data_2CZI
#
_entry.id   2CZI
#
_cell.length_a   106.295
_cell.length_b   106.295
_cell.length_c   54.857
_cell.angle_alpha   90.00
_cell.angle_beta   90.00
_cell.angle_gamma   120.00
#
_symmetry.space_group_name_H-M   'P 31 2 1'
#
loop_
_entity.id
_entity.type
_entity.pdbx_description
1 polymer 'Inositol monophosphatase 2'
2 non-polymer 'CALCIUM ION'
3 non-polymer 'PHOSPHATE ION'
4 water water
#
_entity_poly.entity_id   1
_entity_poly.type   'polypeptide(L)'
_entity_poly.pdbx_seq_one_letter_code
;GGSHMELPGSSMKPSGEDQAALAAGPWEECFQAAVQLALRAGQIIRKALTEEKRVSTKTSAADLVTETDHLVEDLIISEL
RERFPSHRFIAEEAAASGAKCVLTHSPTWIIDPIDGTCNFVHRFPTVAVSIGFAVRQELEFGVIYHCTEERLYTGRRGRG
AFCNGQRLRVSGETDLSKALVLTEIGPKRDPATLKLFLSNMERLLHAKAHGVRVIGSSTLALCHLASGAADAYYQFGLHC
WDLAAATVIIREAGGIVIDTSGGPLDLMACRVVAASTREMAMLIAQALQTINYGRDDEK
;
_entity_poly.pdbx_strand_id   A
#
loop_
_chem_comp.id
_chem_comp.type
_chem_comp.name
_chem_comp.formula
CA non-polymer 'CALCIUM ION' 'Ca 2'
PO4 non-polymer 'PHOSPHATE ION' 'O4 P -3'
#
# COMPACT_ATOMS: atom_id res chain seq x y z
N PRO A 26 14.50 -14.85 -9.56
CA PRO A 26 14.49 -13.63 -8.73
C PRO A 26 14.16 -14.08 -7.30
N TRP A 27 15.16 -14.03 -6.42
CA TRP A 27 15.01 -14.53 -5.06
C TRP A 27 15.17 -13.70 -3.80
N GLU A 28 16.37 -13.81 -3.23
CA GLU A 28 16.73 -13.20 -1.98
C GLU A 28 17.73 -12.03 -2.04
N GLU A 29 18.70 -12.14 -2.92
CA GLU A 29 19.68 -11.06 -3.05
C GLU A 29 18.85 -9.80 -3.39
N CYS A 30 17.65 -10.04 -3.94
CA CYS A 30 16.74 -8.97 -4.31
C CYS A 30 15.93 -8.50 -3.12
N PHE A 31 15.69 -9.42 -2.19
CA PHE A 31 14.91 -9.14 -1.00
C PHE A 31 15.81 -8.44 0.04
N GLN A 32 16.96 -9.04 0.33
CA GLN A 32 17.87 -8.47 1.31
C GLN A 32 18.20 -7.02 0.89
N ALA A 33 18.15 -6.76 -0.40
CA ALA A 33 18.42 -5.42 -0.90
C ALA A 33 17.20 -4.55 -0.63
N ALA A 34 16.06 -4.96 -1.18
CA ALA A 34 14.80 -4.25 -1.03
C ALA A 34 14.56 -3.78 0.41
N VAL A 35 14.95 -4.60 1.38
CA VAL A 35 14.79 -4.25 2.77
C VAL A 35 15.89 -3.28 3.19
N GLN A 36 17.14 -3.58 2.82
CA GLN A 36 18.25 -2.70 3.16
C GLN A 36 17.97 -1.28 2.67
N LEU A 37 17.52 -1.14 1.42
CA LEU A 37 17.21 0.17 0.83
C LEU A 37 15.96 0.77 1.46
N ALA A 38 14.98 -0.07 1.80
CA ALA A 38 13.76 0.44 2.40
C ALA A 38 14.08 1.01 3.79
N LEU A 39 15.13 0.47 4.40
CA LEU A 39 15.54 0.93 5.72
C LEU A 39 16.23 2.28 5.63
N ARG A 40 17.20 2.39 4.72
CA ARG A 40 17.90 3.65 4.54
C ARG A 40 16.86 4.65 4.08
N ALA A 41 16.16 4.28 3.01
CA ALA A 41 15.13 5.12 2.41
C ALA A 41 14.04 5.46 3.39
N GLY A 42 14.15 4.97 4.61
CA GLY A 42 13.13 5.25 5.60
C GLY A 42 13.73 6.14 6.67
N GLN A 43 15.05 6.10 6.76
CA GLN A 43 15.78 6.89 7.73
C GLN A 43 16.00 8.27 7.18
N ILE A 44 16.54 8.32 5.98
CA ILE A 44 16.81 9.58 5.32
C ILE A 44 15.51 10.39 5.30
N ILE A 45 14.39 9.70 5.38
CA ILE A 45 13.10 10.36 5.35
C ILE A 45 12.54 10.69 6.73
N ARG A 46 12.97 9.95 7.74
CA ARG A 46 12.56 10.18 9.12
C ARG A 46 13.29 11.43 9.63
N LYS A 47 14.54 11.57 9.23
CA LYS A 47 15.38 12.72 9.60
C LYS A 47 14.89 13.96 8.88
N ALA A 48 14.19 13.75 7.77
CA ALA A 48 13.63 14.84 6.98
C ALA A 48 12.52 15.54 7.75
N LEU A 49 11.71 14.76 8.47
CA LEU A 49 10.61 15.35 9.21
C LEU A 49 11.01 16.17 10.41
N THR A 50 12.27 16.54 10.51
CA THR A 50 12.71 17.37 11.62
C THR A 50 12.78 18.78 11.03
N GLU A 51 11.79 19.07 10.18
CA GLU A 51 11.69 20.33 9.45
C GLU A 51 11.13 21.57 10.15
N GLU A 52 11.42 22.70 9.51
CA GLU A 52 11.01 24.03 9.96
C GLU A 52 10.92 24.98 8.77
N THR A 57 7.07 28.62 6.01
CA THR A 57 7.22 27.17 5.96
C THR A 57 6.05 26.48 5.23
N LYS A 58 4.95 27.18 4.99
CA LYS A 58 3.79 26.59 4.31
C LYS A 58 4.15 25.73 3.09
N THR A 59 4.96 26.31 2.20
CA THR A 59 5.33 25.64 0.96
C THR A 59 6.76 25.17 0.89
N SER A 60 7.63 25.72 1.72
CA SER A 60 9.01 25.32 1.67
C SER A 60 9.06 23.83 1.94
N ALA A 61 8.27 23.40 2.92
CA ALA A 61 8.18 21.98 3.29
C ALA A 61 7.69 21.15 2.11
N ALA A 62 6.63 21.63 1.46
CA ALA A 62 6.05 20.96 0.30
C ALA A 62 7.13 20.57 -0.69
N ASP A 63 8.20 21.37 -0.74
CA ASP A 63 9.28 21.07 -1.66
C ASP A 63 10.20 20.05 -1.00
N LEU A 64 10.64 20.34 0.23
CA LEU A 64 11.50 19.43 0.95
C LEU A 64 11.04 18.00 0.66
N VAL A 65 9.74 17.80 0.79
CA VAL A 65 9.13 16.51 0.55
C VAL A 65 9.51 15.98 -0.81
N THR A 66 9.01 16.61 -1.87
CA THR A 66 9.28 16.16 -3.23
C THR A 66 10.77 15.90 -3.40
N GLU A 67 11.60 16.82 -2.92
CA GLU A 67 13.05 16.66 -2.99
C GLU A 67 13.41 15.31 -2.35
N THR A 68 12.74 15.01 -1.25
CA THR A 68 12.98 13.76 -0.53
C THR A 68 12.51 12.61 -1.40
N ASP A 69 11.26 12.73 -1.86
CA ASP A 69 10.64 11.71 -2.71
C ASP A 69 11.55 11.40 -3.88
N HIS A 70 12.13 12.44 -4.47
CA HIS A 70 13.05 12.27 -5.58
C HIS A 70 14.34 11.64 -5.04
N LEU A 71 14.76 12.03 -3.84
CA LEU A 71 15.98 11.47 -3.26
C LEU A 71 15.82 9.98 -2.95
N VAL A 72 14.65 9.60 -2.47
CA VAL A 72 14.41 8.20 -2.15
C VAL A 72 14.33 7.39 -3.42
N GLU A 73 13.37 7.72 -4.28
CA GLU A 73 13.19 6.99 -5.53
C GLU A 73 14.48 6.70 -6.25
N ASP A 74 15.36 7.69 -6.30
CA ASP A 74 16.64 7.55 -6.99
C ASP A 74 17.45 6.49 -6.29
N LEU A 75 17.58 6.65 -4.98
CA LEU A 75 18.30 5.74 -4.11
C LEU A 75 17.95 4.31 -4.49
N ILE A 76 16.67 3.99 -4.33
CA ILE A 76 16.17 2.65 -4.61
C ILE A 76 16.22 2.19 -6.06
N ILE A 77 15.75 2.98 -7.02
CA ILE A 77 15.76 2.48 -8.40
C ILE A 77 17.10 2.56 -9.11
N SER A 78 18.18 2.70 -8.37
CA SER A 78 19.50 2.78 -9.00
C SER A 78 20.43 1.84 -8.30
N GLU A 79 20.23 1.66 -6.99
CA GLU A 79 21.05 0.75 -6.23
C GLU A 79 20.57 -0.63 -6.64
N LEU A 80 19.28 -0.71 -6.95
CA LEU A 80 18.66 -1.96 -7.37
C LEU A 80 18.95 -2.16 -8.83
N ARG A 81 19.24 -1.07 -9.53
CA ARG A 81 19.57 -1.11 -10.94
C ARG A 81 21.03 -1.54 -11.00
N GLU A 82 21.81 -0.99 -10.06
CA GLU A 82 23.24 -1.25 -9.92
C GLU A 82 23.45 -2.75 -9.85
N ARG A 83 22.62 -3.42 -9.06
CA ARG A 83 22.66 -4.87 -8.92
C ARG A 83 21.54 -5.30 -9.86
N PHE A 84 21.59 -6.47 -10.46
CA PHE A 84 20.50 -6.86 -11.38
C PHE A 84 20.17 -5.75 -12.40
N PRO A 85 21.17 -5.30 -13.16
CA PRO A 85 20.98 -4.27 -14.16
C PRO A 85 19.96 -4.60 -15.27
N SER A 86 19.27 -5.73 -15.18
CA SER A 86 18.31 -6.12 -16.24
C SER A 86 16.87 -6.11 -15.83
N HIS A 87 16.61 -5.90 -14.55
CA HIS A 87 15.25 -5.88 -14.02
C HIS A 87 14.52 -4.58 -14.36
N ARG A 88 13.20 -4.65 -14.52
CA ARG A 88 12.43 -3.45 -14.82
C ARG A 88 11.96 -2.73 -13.54
N PHE A 89 11.50 -1.49 -13.70
CA PHE A 89 11.06 -0.68 -12.56
C PHE A 89 9.79 0.10 -12.87
N ILE A 90 9.14 0.58 -11.82
CA ILE A 90 7.91 1.38 -11.89
C ILE A 90 7.81 2.15 -10.56
N ALA A 91 7.38 3.41 -10.62
CA ALA A 91 7.23 4.24 -9.40
C ALA A 91 6.40 5.49 -9.68
N GLU A 92 6.04 6.23 -8.64
CA GLU A 92 5.23 7.43 -8.84
C GLU A 92 5.78 8.44 -9.85
N GLU A 93 7.09 8.60 -9.90
CA GLU A 93 7.67 9.51 -10.88
C GLU A 93 8.04 8.70 -12.12
N ALA A 94 9.16 8.00 -12.02
CA ALA A 94 9.66 7.15 -13.10
C ALA A 94 9.20 5.72 -12.86
N LYS A 100 3.82 4.96 -17.54
CA LYS A 100 2.60 4.25 -17.19
C LYS A 100 2.90 2.97 -16.41
N CYS A 101 1.87 2.37 -15.81
CA CYS A 101 2.10 1.14 -15.07
C CYS A 101 1.83 -0.06 -15.98
N VAL A 102 2.82 -0.44 -16.80
CA VAL A 102 2.71 -1.58 -17.71
C VAL A 102 3.74 -2.63 -17.29
N LEU A 103 3.28 -3.70 -16.62
CA LEU A 103 4.24 -4.70 -16.15
C LEU A 103 4.36 -5.91 -17.03
N THR A 104 5.58 -6.10 -17.53
CA THR A 104 5.90 -7.21 -18.40
C THR A 104 6.24 -8.41 -17.55
N HIS A 105 6.45 -9.56 -18.20
CA HIS A 105 6.79 -10.77 -17.46
C HIS A 105 8.19 -10.74 -16.92
N SER A 106 8.92 -9.68 -17.23
CA SER A 106 10.28 -9.53 -16.72
C SER A 106 10.23 -9.33 -15.21
N PRO A 107 11.31 -9.66 -14.49
CA PRO A 107 11.24 -9.43 -13.04
C PRO A 107 11.21 -7.92 -12.84
N THR A 108 10.03 -7.39 -12.62
CA THR A 108 9.85 -5.97 -12.45
C THR A 108 9.65 -5.57 -10.98
N TRP A 109 10.24 -4.44 -10.62
CA TRP A 109 10.20 -3.88 -9.27
C TRP A 109 9.21 -2.72 -9.17
N ILE A 110 8.09 -2.94 -8.50
CA ILE A 110 7.06 -1.92 -8.35
C ILE A 110 7.26 -1.15 -7.05
N ILE A 111 7.51 0.16 -7.15
CA ILE A 111 7.78 1.01 -5.98
C ILE A 111 6.98 2.30 -5.81
N ASP A 112 6.88 2.73 -4.56
CA ASP A 112 6.22 3.97 -4.20
C ASP A 112 7.21 4.53 -3.15
N PRO A 113 8.24 5.24 -3.63
CA PRO A 113 9.28 5.83 -2.77
C PRO A 113 8.75 6.43 -1.48
N ILE A 114 7.60 7.06 -1.54
CA ILE A 114 7.03 7.66 -0.34
C ILE A 114 5.51 7.65 -0.43
N ASP A 115 4.84 6.77 0.32
CA ASP A 115 3.37 6.70 0.31
C ASP A 115 2.86 7.57 1.45
N GLY A 116 2.26 8.69 1.10
CA GLY A 116 1.74 9.58 2.12
C GLY A 116 2.48 10.89 2.09
N THR A 117 2.61 11.49 0.90
CA THR A 117 3.33 12.76 0.82
C THR A 117 2.55 13.91 1.43
N CYS A 118 1.23 13.79 1.50
CA CYS A 118 0.42 14.87 2.08
C CYS A 118 0.58 14.92 3.58
N ASN A 119 0.71 13.76 4.20
CA ASN A 119 0.88 13.70 5.65
C ASN A 119 2.26 14.26 5.99
N PHE A 120 3.23 13.81 5.22
CA PHE A 120 4.62 14.21 5.35
C PHE A 120 4.75 15.74 5.31
N VAL A 121 3.96 16.37 4.44
CA VAL A 121 4.00 17.80 4.31
C VAL A 121 3.59 18.49 5.59
N HIS A 122 2.74 17.83 6.37
CA HIS A 122 2.26 18.38 7.64
C HIS A 122 3.00 17.83 8.86
N ARG A 123 3.95 16.93 8.63
CA ARG A 123 4.70 16.32 9.73
C ARG A 123 3.75 15.39 10.50
N PHE A 124 2.92 14.69 9.74
CA PHE A 124 1.94 13.74 10.28
C PHE A 124 2.69 12.40 10.30
N PRO A 125 2.89 11.82 11.49
CA PRO A 125 3.60 10.55 11.71
C PRO A 125 3.15 9.27 11.00
N THR A 126 2.76 9.38 9.74
CA THR A 126 2.34 8.19 8.99
C THR A 126 2.61 8.32 7.50
N VAL A 127 3.85 8.00 7.14
CA VAL A 127 4.32 8.03 5.77
C VAL A 127 5.16 6.76 5.58
N ALA A 128 4.94 6.05 4.48
CA ALA A 128 5.68 4.81 4.24
C ALA A 128 6.44 4.76 2.91
N VAL A 129 7.42 3.86 2.81
CA VAL A 129 8.19 3.68 1.58
C VAL A 129 8.06 2.19 1.24
N SER A 130 7.36 1.92 0.14
CA SER A 130 7.07 0.56 -0.27
C SER A 130 7.68 0.13 -1.60
N ILE A 131 8.36 -0.99 -1.60
CA ILE A 131 8.94 -1.47 -2.83
C ILE A 131 8.55 -2.93 -2.96
N GLY A 132 7.77 -3.21 -4.00
CA GLY A 132 7.31 -4.56 -4.27
C GLY A 132 8.03 -5.15 -5.47
N PHE A 133 8.17 -6.48 -5.49
CA PHE A 133 8.85 -7.18 -6.57
C PHE A 133 8.05 -8.32 -7.19
N ALA A 134 7.77 -8.21 -8.48
CA ALA A 134 7.01 -9.23 -9.21
C ALA A 134 7.85 -9.91 -10.26
N VAL A 135 7.58 -11.20 -10.46
CA VAL A 135 8.29 -12.01 -11.44
C VAL A 135 7.22 -12.74 -12.23
N ARG A 136 7.54 -13.15 -13.43
CA ARG A 136 6.58 -13.86 -14.25
C ARG A 136 5.24 -13.15 -14.14
N GLN A 137 5.28 -11.83 -14.11
CA GLN A 137 4.06 -11.05 -14.01
C GLN A 137 3.12 -11.31 -12.81
N GLU A 138 3.67 -11.80 -11.70
CA GLU A 138 2.88 -12.01 -10.47
C GLU A 138 3.79 -11.67 -9.30
N LEU A 139 3.19 -11.14 -8.24
CA LEU A 139 3.91 -10.73 -7.03
C LEU A 139 4.69 -11.82 -6.30
N GLU A 140 5.97 -11.58 -6.07
CA GLU A 140 6.83 -12.55 -5.39
C GLU A 140 7.06 -12.12 -3.95
N PHE A 141 7.30 -10.82 -3.75
CA PHE A 141 7.47 -10.28 -2.39
C PHE A 141 7.29 -8.77 -2.32
N GLY A 142 7.33 -8.24 -1.10
CA GLY A 142 7.19 -6.81 -0.92
C GLY A 142 7.50 -6.33 0.50
N VAL A 143 8.25 -5.23 0.60
CA VAL A 143 8.56 -4.67 1.91
C VAL A 143 8.06 -3.21 2.06
N ILE A 144 7.18 -2.99 3.06
CA ILE A 144 6.61 -1.68 3.34
C ILE A 144 7.14 -1.20 4.69
N TYR A 145 7.69 0.01 4.73
CA TYR A 145 8.26 0.52 5.96
C TYR A 145 7.52 1.69 6.58
N HIS A 146 7.64 1.82 7.90
CA HIS A 146 6.97 2.89 8.62
C HIS A 146 8.03 3.77 9.25
N CYS A 147 8.45 4.77 8.47
CA CYS A 147 9.49 5.71 8.87
C CYS A 147 9.47 6.15 10.33
N THR A 148 8.35 6.71 10.77
CA THR A 148 8.25 7.16 12.15
C THR A 148 8.19 6.04 13.21
N GLU A 149 7.17 5.17 13.13
CA GLU A 149 7.01 4.08 14.09
C GLU A 149 8.04 2.95 13.93
N GLU A 150 8.94 3.11 12.97
CA GLU A 150 9.94 2.08 12.73
C GLU A 150 9.38 0.66 12.67
N ARG A 151 8.22 0.50 12.04
CA ARG A 151 7.66 -0.84 11.90
C ARG A 151 8.06 -1.24 10.48
N LEU A 152 8.48 -2.49 10.31
CA LEU A 152 8.90 -2.95 9.00
C LEU A 152 8.08 -4.14 8.53
N TYR A 153 7.20 -3.92 7.56
CA TYR A 153 6.36 -5.00 7.06
C TYR A 153 6.98 -5.65 5.81
N THR A 154 7.11 -6.97 5.84
CA THR A 154 7.65 -7.73 4.71
C THR A 154 6.79 -8.98 4.48
N GLY A 155 7.09 -9.71 3.42
CA GLY A 155 6.35 -10.91 3.11
C GLY A 155 6.69 -11.43 1.72
N ARG A 156 7.13 -12.69 1.66
CA ARG A 156 7.48 -13.33 0.39
C ARG A 156 6.36 -14.31 0.10
N ARG A 157 6.33 -14.90 -1.09
CA ARG A 157 5.26 -15.81 -1.38
C ARG A 157 5.67 -17.26 -1.18
N GLY A 158 5.09 -17.87 -0.16
CA GLY A 158 5.38 -19.26 0.17
C GLY A 158 6.13 -19.29 1.48
N ARG A 159 6.22 -18.12 2.11
CA ARG A 159 6.93 -17.98 3.37
C ARG A 159 6.25 -17.00 4.34
N GLY A 160 5.01 -16.65 4.07
CA GLY A 160 4.31 -15.76 4.97
C GLY A 160 4.82 -14.35 5.13
N ALA A 161 4.07 -13.53 5.88
CA ALA A 161 4.41 -12.14 6.12
C ALA A 161 4.85 -11.84 7.58
N PHE A 162 5.72 -10.85 7.75
CA PHE A 162 6.23 -10.49 9.06
C PHE A 162 6.33 -8.96 9.23
N CYS A 163 6.52 -8.52 10.47
CA CYS A 163 6.71 -7.11 10.79
C CYS A 163 7.70 -7.05 11.95
N ASN A 164 8.91 -6.60 11.66
CA ASN A 164 9.95 -6.54 12.68
C ASN A 164 10.01 -7.95 13.27
N GLY A 165 10.27 -8.90 12.37
CA GLY A 165 10.40 -10.30 12.71
C GLY A 165 9.33 -10.96 13.57
N GLN A 166 8.09 -10.51 13.44
CA GLN A 166 7.01 -11.08 14.24
C GLN A 166 5.94 -11.58 13.29
N ARG A 167 5.71 -12.89 13.27
CA ARG A 167 4.71 -13.46 12.37
C ARG A 167 3.34 -12.77 12.43
N LEU A 168 2.91 -12.31 11.26
CA LEU A 168 1.63 -11.64 11.09
C LEU A 168 0.58 -12.62 10.56
N ARG A 169 -0.66 -12.43 10.99
CA ARG A 169 -1.78 -13.26 10.54
C ARG A 169 -3.04 -12.41 10.50
N VAL A 170 -3.72 -12.46 9.36
CA VAL A 170 -4.92 -11.69 9.15
C VAL A 170 -6.02 -11.90 10.18
N SER A 171 -6.67 -10.80 10.56
CA SER A 171 -7.76 -10.80 11.53
C SER A 171 -8.46 -12.15 11.63
N GLY A 172 -9.25 -12.47 10.61
CA GLY A 172 -9.96 -13.73 10.61
C GLY A 172 -11.45 -13.50 10.85
N GLU A 173 -11.87 -12.25 10.69
CA GLU A 173 -13.25 -11.86 10.88
C GLU A 173 -14.10 -12.13 9.64
N THR A 174 -15.41 -12.04 9.77
CA THR A 174 -16.28 -12.28 8.62
C THR A 174 -17.57 -11.45 8.64
N ASP A 175 -17.95 -10.95 9.81
CA ASP A 175 -19.17 -10.15 9.87
C ASP A 175 -18.91 -8.67 10.03
N LEU A 176 -19.26 -7.96 8.97
CA LEU A 176 -19.10 -6.53 8.88
C LEU A 176 -19.55 -5.83 10.17
N SER A 177 -20.54 -6.41 10.85
CA SER A 177 -21.05 -5.84 12.10
C SER A 177 -19.96 -5.73 13.16
N LYS A 178 -18.88 -6.49 12.97
CA LYS A 178 -17.73 -6.47 13.87
C LYS A 178 -16.48 -6.12 13.08
N ALA A 179 -16.64 -5.26 12.09
CA ALA A 179 -15.53 -4.89 11.22
C ALA A 179 -15.04 -3.45 11.33
N LEU A 180 -13.72 -3.30 11.30
CA LEU A 180 -13.06 -2.00 11.32
C LEU A 180 -12.50 -1.80 9.90
N VAL A 181 -13.21 -1.00 9.10
CA VAL A 181 -12.80 -0.77 7.72
C VAL A 181 -11.79 0.38 7.58
N LEU A 182 -10.88 0.22 6.62
CA LEU A 182 -9.86 1.22 6.35
C LEU A 182 -10.04 1.69 4.93
N THR A 183 -9.70 2.95 4.66
CA THR A 183 -9.83 3.54 3.33
C THR A 183 -9.39 4.99 3.30
N GLU A 184 -8.98 5.45 2.12
CA GLU A 184 -8.56 6.83 1.94
C GLU A 184 -9.27 7.61 0.83
N ILE A 185 -9.28 8.92 0.97
CA ILE A 185 -9.92 9.81 0.00
C ILE A 185 -8.92 9.94 -1.14
N GLY A 186 -9.40 10.14 -2.35
CA GLY A 186 -8.50 10.30 -3.48
C GLY A 186 -8.20 11.77 -3.72
N PRO A 187 -7.41 12.09 -4.76
CA PRO A 187 -7.07 13.48 -5.06
C PRO A 187 -8.15 14.16 -5.89
N LYS A 188 -8.84 13.37 -6.71
CA LYS A 188 -9.90 13.85 -7.60
C LYS A 188 -11.00 14.60 -6.85
N ARG A 189 -10.82 15.91 -6.71
CA ARG A 189 -11.79 16.76 -6.01
C ARG A 189 -12.90 17.21 -6.96
N ASP A 190 -13.58 16.25 -7.58
CA ASP A 190 -14.64 16.57 -8.53
C ASP A 190 -16.02 16.15 -8.04
N PRO A 191 -16.97 17.10 -7.97
CA PRO A 191 -18.35 16.90 -7.52
C PRO A 191 -18.95 15.55 -7.92
N ALA A 192 -18.47 14.98 -9.02
CA ALA A 192 -18.95 13.68 -9.46
C ALA A 192 -18.43 12.72 -8.39
N THR A 193 -17.12 12.53 -8.44
CA THR A 193 -16.39 11.69 -7.49
C THR A 193 -17.01 11.67 -6.09
N LEU A 194 -16.76 12.75 -5.36
CA LEU A 194 -17.23 12.89 -3.98
C LEU A 194 -18.62 12.35 -3.65
N LYS A 195 -19.60 12.56 -4.53
CA LYS A 195 -20.92 12.05 -4.18
C LYS A 195 -20.83 10.54 -3.98
N LEU A 196 -20.05 9.87 -4.83
CA LEU A 196 -19.91 8.42 -4.72
C LEU A 196 -19.10 7.98 -3.51
N PHE A 197 -17.97 8.63 -3.27
CA PHE A 197 -17.11 8.29 -2.13
C PHE A 197 -17.87 8.30 -0.83
N LEU A 198 -18.62 9.36 -0.61
CA LEU A 198 -19.42 9.53 0.60
C LEU A 198 -20.56 8.53 0.66
N SER A 199 -21.29 8.40 -0.44
CA SER A 199 -22.41 7.45 -0.51
C SER A 199 -21.85 6.06 -0.22
N ASN A 200 -20.63 5.83 -0.67
CA ASN A 200 -19.99 4.55 -0.44
C ASN A 200 -19.62 4.35 1.02
N MET A 201 -19.06 5.37 1.66
CA MET A 201 -18.74 5.22 3.08
C MET A 201 -20.04 4.76 3.75
N GLU A 202 -21.05 5.61 3.66
CA GLU A 202 -22.37 5.36 4.22
C GLU A 202 -22.82 3.89 4.19
N ARG A 203 -22.81 3.24 3.03
CA ARG A 203 -23.23 1.83 2.95
C ARG A 203 -22.53 0.91 3.96
N LEU A 204 -21.23 1.12 4.18
CA LEU A 204 -20.47 0.32 5.13
C LEU A 204 -20.88 0.71 6.55
N LEU A 205 -21.15 2.00 6.75
CA LEU A 205 -21.58 2.48 8.04
C LEU A 205 -23.02 2.04 8.29
N HIS A 206 -23.84 2.03 7.23
CA HIS A 206 -25.24 1.61 7.35
C HIS A 206 -25.33 0.19 7.90
N ALA A 207 -24.39 -0.66 7.51
CA ALA A 207 -24.36 -2.02 8.05
C ALA A 207 -23.81 -1.72 9.44
N LYS A 208 -23.52 -2.72 10.25
CA LYS A 208 -23.02 -2.37 11.57
C LYS A 208 -21.52 -2.52 11.76
N ALA A 209 -20.77 -1.95 10.81
CA ALA A 209 -19.31 -1.97 10.84
C ALA A 209 -18.84 -1.08 11.96
N HIS A 210 -18.10 -1.64 12.92
CA HIS A 210 -17.63 -0.85 14.04
C HIS A 210 -17.20 0.54 13.61
N GLY A 211 -16.21 0.64 12.73
CA GLY A 211 -15.75 1.94 12.29
C GLY A 211 -14.98 2.05 10.98
N VAL A 212 -14.72 3.28 10.58
CA VAL A 212 -13.98 3.60 9.36
C VAL A 212 -12.80 4.48 9.72
N ARG A 213 -11.64 4.19 9.14
CA ARG A 213 -10.43 4.97 9.43
C ARG A 213 -9.80 5.53 8.18
N VAL A 214 -9.35 6.78 8.23
CA VAL A 214 -8.71 7.38 7.07
C VAL A 214 -7.37 7.97 7.52
N ILE A 215 -6.40 7.09 7.78
CA ILE A 215 -5.08 7.49 8.24
C ILE A 215 -4.29 8.30 7.21
N GLY A 216 -4.68 8.21 5.94
CA GLY A 216 -3.97 8.95 4.91
C GLY A 216 -2.75 8.21 4.35
N SER A 217 -2.88 6.89 4.19
CA SER A 217 -1.82 6.08 3.64
C SER A 217 -2.38 4.73 3.23
N SER A 218 -2.30 4.43 1.95
CA SER A 218 -2.82 3.16 1.45
C SER A 218 -1.95 2.03 1.99
N THR A 219 -0.64 2.12 1.77
CA THR A 219 0.28 1.09 2.22
C THR A 219 0.05 0.66 3.67
N LEU A 220 0.29 1.56 4.61
CA LEU A 220 0.12 1.25 6.02
C LEU A 220 -1.27 0.68 6.34
N ALA A 221 -2.28 1.19 5.64
CA ALA A 221 -3.64 0.69 5.85
C ALA A 221 -3.65 -0.80 5.51
N LEU A 222 -3.19 -1.13 4.31
CA LEU A 222 -3.15 -2.53 3.89
C LEU A 222 -2.29 -3.32 4.87
N CYS A 223 -1.23 -2.69 5.36
CA CYS A 223 -0.36 -3.37 6.31
C CYS A 223 -1.07 -3.66 7.61
N HIS A 224 -1.87 -2.69 8.07
CA HIS A 224 -2.62 -2.86 9.31
C HIS A 224 -3.55 -4.05 9.14
N LEU A 225 -4.23 -4.09 8.01
CA LEU A 225 -5.15 -5.18 7.72
C LEU A 225 -4.38 -6.48 7.83
N ALA A 226 -3.22 -6.53 7.19
CA ALA A 226 -2.39 -7.72 7.22
C ALA A 226 -2.06 -8.20 8.62
N SER A 227 -1.76 -7.27 9.52
CA SER A 227 -1.42 -7.62 10.88
C SER A 227 -2.64 -8.11 11.63
N GLY A 228 -3.76 -7.44 11.40
CA GLY A 228 -5.00 -7.79 12.05
C GLY A 228 -5.60 -6.59 12.76
N ALA A 229 -4.90 -5.44 12.68
CA ALA A 229 -5.39 -4.21 13.31
C ALA A 229 -6.60 -3.67 12.54
N ALA A 230 -6.84 -4.23 11.36
CA ALA A 230 -7.95 -3.82 10.51
C ALA A 230 -8.53 -5.09 9.91
N ASP A 231 -9.81 -5.04 9.54
CA ASP A 231 -10.46 -6.21 8.99
C ASP A 231 -10.64 -6.07 7.48
N ALA A 232 -10.90 -4.85 7.01
CA ALA A 232 -11.07 -4.64 5.58
C ALA A 232 -10.47 -3.32 5.11
N TYR A 233 -10.38 -3.18 3.80
CA TYR A 233 -9.83 -1.98 3.18
C TYR A 233 -10.44 -1.83 1.79
N TYR A 234 -10.53 -0.61 1.29
CA TYR A 234 -11.05 -0.40 -0.05
C TYR A 234 -10.66 0.97 -0.58
N GLN A 235 -10.48 1.05 -1.89
CA GLN A 235 -10.14 2.32 -2.50
C GLN A 235 -10.18 2.32 -4.02
N PHE A 236 -10.70 3.43 -4.56
CA PHE A 236 -10.74 3.64 -6.00
C PHE A 236 -9.79 4.81 -6.22
N GLY A 237 -9.07 4.82 -7.35
CA GLY A 237 -8.17 5.94 -7.59
C GLY A 237 -6.83 5.60 -6.98
N LEU A 238 -6.71 4.34 -6.61
CA LEU A 238 -5.51 3.80 -6.01
C LEU A 238 -4.55 3.54 -7.17
N HIS A 239 -3.33 3.14 -6.87
CA HIS A 239 -2.36 2.85 -7.91
C HIS A 239 -1.64 1.53 -7.74
N CYS A 240 -1.17 1.00 -8.87
CA CYS A 240 -0.47 -0.28 -8.90
C CYS A 240 0.67 -0.36 -7.91
N TRP A 241 1.44 0.71 -7.79
CA TRP A 241 2.58 0.70 -6.90
C TRP A 241 2.19 0.78 -5.43
N ASP A 242 0.90 0.93 -5.15
CA ASP A 242 0.45 0.99 -3.77
C ASP A 242 0.16 -0.40 -3.26
N LEU A 243 -0.67 -1.11 -3.98
CA LEU A 243 -1.06 -2.45 -3.56
C LEU A 243 -0.15 -3.57 -4.05
N ALA A 244 0.99 -3.22 -4.65
CA ALA A 244 1.90 -4.24 -5.15
C ALA A 244 2.58 -5.04 -4.04
N ALA A 245 3.11 -4.34 -3.04
CA ALA A 245 3.81 -5.02 -1.95
C ALA A 245 2.82 -5.52 -0.89
N ALA A 246 1.94 -4.62 -0.47
CA ALA A 246 0.95 -4.95 0.52
C ALA A 246 0.31 -6.32 0.22
N THR A 247 -0.27 -6.43 -0.97
CA THR A 247 -0.91 -7.67 -1.41
C THR A 247 -0.15 -8.92 -0.97
N VAL A 248 1.09 -9.06 -1.43
CA VAL A 248 1.90 -10.22 -1.08
C VAL A 248 1.79 -10.51 0.40
N ILE A 249 1.99 -9.44 1.17
CA ILE A 249 1.93 -9.47 2.61
C ILE A 249 0.54 -9.86 3.10
N ILE A 250 -0.47 -9.09 2.72
CA ILE A 250 -1.85 -9.40 3.11
C ILE A 250 -2.21 -10.88 2.86
N ARG A 251 -1.72 -11.44 1.76
CA ARG A 251 -2.02 -12.83 1.40
C ARG A 251 -1.24 -13.85 2.19
N GLU A 252 0.07 -13.67 2.30
CA GLU A 252 0.88 -14.62 3.04
C GLU A 252 0.50 -14.49 4.52
N ALA A 253 -0.24 -13.43 4.82
CA ALA A 253 -0.72 -13.16 6.17
C ALA A 253 -2.00 -13.95 6.40
N GLY A 254 -2.71 -14.22 5.31
CA GLY A 254 -3.95 -14.96 5.37
C GLY A 254 -5.07 -14.25 4.65
N GLY A 255 -5.14 -12.92 4.78
CA GLY A 255 -6.20 -12.17 4.14
C GLY A 255 -6.32 -12.41 2.64
N ILE A 256 -7.28 -11.74 2.01
CA ILE A 256 -7.47 -11.88 0.58
C ILE A 256 -7.67 -10.53 -0.06
N VAL A 257 -7.08 -10.34 -1.25
CA VAL A 257 -7.17 -9.07 -1.99
C VAL A 257 -7.76 -9.30 -3.38
N ILE A 258 -8.90 -8.67 -3.67
CA ILE A 258 -9.57 -8.86 -4.96
C ILE A 258 -10.02 -7.54 -5.57
N ASP A 259 -10.80 -7.61 -6.65
CA ASP A 259 -11.31 -6.41 -7.32
C ASP A 259 -12.61 -5.92 -6.74
N THR A 260 -12.83 -4.62 -6.78
CA THR A 260 -14.06 -4.05 -6.25
C THR A 260 -15.25 -4.87 -6.70
N SER A 261 -15.16 -5.50 -7.88
CA SER A 261 -16.24 -6.35 -8.36
C SER A 261 -16.17 -7.64 -7.56
N GLY A 262 -15.25 -8.51 -7.92
CA GLY A 262 -15.11 -9.75 -7.19
C GLY A 262 -14.06 -10.62 -7.83
N GLY A 263 -14.11 -11.91 -7.50
CA GLY A 263 -13.16 -12.85 -8.05
C GLY A 263 -11.72 -12.37 -8.14
N PRO A 264 -11.24 -12.01 -9.34
CA PRO A 264 -9.90 -11.53 -9.65
C PRO A 264 -9.52 -10.14 -9.14
N LEU A 265 -8.22 -9.84 -9.25
CA LEU A 265 -7.66 -8.56 -8.83
C LEU A 265 -6.84 -8.01 -9.99
N ASP A 266 -7.33 -6.92 -10.59
CA ASP A 266 -6.67 -6.27 -11.72
C ASP A 266 -5.68 -5.20 -11.27
N LEU A 267 -4.41 -5.55 -11.19
CA LEU A 267 -3.39 -4.60 -10.76
C LEU A 267 -3.34 -3.31 -11.59
N MET A 268 -3.28 -3.41 -12.92
CA MET A 268 -3.22 -2.20 -13.75
C MET A 268 -4.52 -1.42 -13.73
N ALA A 269 -5.41 -1.78 -12.80
CA ALA A 269 -6.67 -1.05 -12.67
C ALA A 269 -6.32 -0.05 -11.58
N CYS A 270 -7.30 0.64 -11.02
CA CYS A 270 -6.97 1.56 -9.95
C CYS A 270 -7.90 1.46 -8.76
N ARG A 271 -8.22 0.22 -8.41
CA ARG A 271 -9.13 -0.06 -7.31
C ARG A 271 -8.73 -1.38 -6.66
N VAL A 272 -9.16 -1.59 -5.43
CA VAL A 272 -8.81 -2.81 -4.71
C VAL A 272 -9.82 -3.10 -3.60
N VAL A 273 -9.87 -4.36 -3.18
CA VAL A 273 -10.74 -4.79 -2.10
C VAL A 273 -10.13 -5.99 -1.39
N ALA A 274 -9.45 -5.71 -0.28
CA ALA A 274 -8.81 -6.73 0.53
C ALA A 274 -9.36 -6.70 1.96
N ALA A 275 -9.81 -7.86 2.44
CA ALA A 275 -10.39 -7.94 3.78
C ALA A 275 -9.74 -9.02 4.61
N SER A 276 -10.36 -9.31 5.76
CA SER A 276 -9.86 -10.30 6.70
C SER A 276 -10.12 -11.74 6.28
N THR A 277 -11.15 -11.94 5.46
CA THR A 277 -11.53 -13.26 5.00
C THR A 277 -12.15 -13.21 3.62
N ARG A 278 -12.14 -14.35 2.94
CA ARG A 278 -12.70 -14.48 1.61
C ARG A 278 -14.19 -14.09 1.63
N GLU A 279 -14.84 -14.29 2.78
CA GLU A 279 -16.26 -13.95 2.93
C GLU A 279 -16.43 -12.45 3.04
N MET A 280 -15.71 -11.89 4.01
CA MET A 280 -15.76 -10.45 4.27
C MET A 280 -15.58 -9.68 2.97
N ALA A 281 -14.59 -10.10 2.20
CA ALA A 281 -14.25 -9.48 0.92
C ALA A 281 -15.46 -9.39 0.01
N MET A 282 -16.04 -10.54 -0.31
CA MET A 282 -17.22 -10.59 -1.15
C MET A 282 -18.28 -9.66 -0.54
N LEU A 283 -18.36 -9.70 0.79
CA LEU A 283 -19.31 -8.91 1.55
C LEU A 283 -19.17 -7.41 1.30
N ILE A 284 -17.95 -6.89 1.46
CA ILE A 284 -17.69 -5.45 1.25
C ILE A 284 -17.89 -5.11 -0.22
N ALA A 285 -18.11 -6.14 -1.04
CA ALA A 285 -18.32 -5.95 -2.46
C ALA A 285 -19.80 -5.69 -2.75
N GLN A 286 -20.65 -6.69 -2.45
CA GLN A 286 -22.08 -6.58 -2.67
C GLN A 286 -22.64 -5.52 -1.73
N ALA A 287 -21.89 -4.44 -1.59
CA ALA A 287 -22.25 -3.32 -0.75
C ALA A 287 -21.30 -2.20 -1.13
N LEU A 288 -21.03 -2.06 -2.43
CA LEU A 288 -20.10 -1.05 -2.90
C LEU A 288 -20.32 -0.68 -4.38
N GLN A 289 -20.31 0.63 -4.69
CA GLN A 289 -20.51 1.13 -6.06
C GLN A 289 -19.20 1.62 -6.67
N THR A 290 -19.02 1.37 -7.97
CA THR A 290 -17.79 1.73 -8.67
C THR A 290 -17.64 3.14 -9.25
N ILE A 291 -16.40 3.64 -9.21
CA ILE A 291 -15.99 4.96 -9.75
C ILE A 291 -14.46 5.05 -9.82
N ASN A 292 -13.90 5.37 -11.00
CA ASN A 292 -12.43 5.47 -11.15
C ASN A 292 -11.97 6.38 -12.27
N TYR A 293 -10.70 6.20 -12.62
CA TYR A 293 -10.04 6.94 -13.70
C TYR A 293 -10.79 8.22 -14.09
CA CA B . 4.00 8.26 -3.03
CA CA C . 0.76 6.30 -3.00
P PO4 D . 1.39 9.76 -2.27
O1 PO4 D . 0.47 10.15 -3.39
O2 PO4 D . 1.76 8.32 -2.39
O3 PO4 D . 2.64 10.58 -2.31
O4 PO4 D . 0.70 9.97 -0.94
#